data_3H3T
#
_entry.id   3H3T
#
_cell.length_a   42.340
_cell.length_b   74.568
_cell.length_c   78.021
_cell.angle_alpha   90.000
_cell.angle_beta   102.840
_cell.angle_gamma   90.000
#
_symmetry.space_group_name_H-M   'P 1 21 1'
#
loop_
_entity.id
_entity.type
_entity.pdbx_description
1 polymer 'Goodpasture antigen binding protein'
2 non-polymer N-[(1R,3R)-3-hydroxy-1-(hydroxymethyl)-3-phenylpropyl]hexadecanamide
3 water water
#
_entity_poly.entity_id   1
_entity_poly.type   'polypeptide(L)'
_entity_poly.pdbx_seq_one_letter_code
;SNSLHWPTSLPSGDAFSSVGTHRFVQKVEEMVQNHMTYSLQDVGGDANWQLVVEEGEMKVYRREVEENGIVLDPLKATHA
VKGVTGHEVCNYFWNVDVRNDWETTIENFHVVETLADNAIIIYQTHKRVWPASQRDVLYLSVIRKIPALTENDPETWIVC
NFSVDHDSAPLNNRCVRAKINVAMICQTLVSPPEGNQEISRDNILCKITYVANVNPGGWAPASVLRAVAKREYPKFLKRF
TSYVQEKTAGKPILF
;
_entity_poly.pdbx_strand_id   A,B
#
# COMPACT_ATOMS: atom_id res chain seq x y z
N GLY A 20 -13.75 -5.01 -26.67
CA GLY A 20 -12.68 -5.29 -27.66
C GLY A 20 -12.34 -6.77 -27.66
N THR A 21 -11.07 -7.09 -27.84
CA THR A 21 -10.65 -8.48 -27.77
C THR A 21 -9.80 -8.73 -26.53
N HIS A 22 -10.46 -8.83 -25.37
CA HIS A 22 -9.77 -9.38 -24.21
C HIS A 22 -10.65 -10.47 -23.61
N ARG A 23 -10.06 -11.32 -22.78
CA ARG A 23 -10.76 -12.52 -22.32
C ARG A 23 -11.91 -12.23 -21.34
N PHE A 24 -11.97 -11.03 -20.78
CA PHE A 24 -13.04 -10.73 -19.83
C PHE A 24 -14.22 -9.93 -20.38
N VAL A 25 -14.28 -9.77 -21.70
CA VAL A 25 -15.34 -8.92 -22.27
C VAL A 25 -16.76 -9.47 -22.05
N GLN A 26 -16.88 -10.80 -22.05
CA GLN A 26 -18.16 -11.45 -21.81
C GLN A 26 -18.61 -11.24 -20.36
N LYS A 27 -17.67 -11.43 -19.44
CA LYS A 27 -17.97 -11.20 -18.02
C LYS A 27 -18.31 -9.72 -17.77
N VAL A 28 -17.54 -8.79 -18.36
CA VAL A 28 -17.81 -7.37 -18.22
C VAL A 28 -19.19 -7.00 -18.70
N GLU A 29 -19.58 -7.54 -19.84
CA GLU A 29 -20.91 -7.33 -20.35
C GLU A 29 -22.03 -7.77 -19.39
N GLU A 30 -21.85 -8.96 -18.83
CA GLU A 30 -22.88 -9.57 -17.98
C GLU A 30 -23.03 -8.71 -16.74
N MET A 31 -21.91 -8.22 -16.22
CA MET A 31 -21.93 -7.39 -15.01
C MET A 31 -22.63 -6.04 -15.27
N VAL A 32 -22.21 -5.36 -16.33
CA VAL A 32 -22.83 -4.08 -16.68
C VAL A 32 -24.33 -4.26 -16.85
N GLN A 33 -24.69 -5.37 -17.47
CA GLN A 33 -26.08 -5.69 -17.69
C GLN A 33 -26.85 -5.92 -16.39
N ASN A 34 -26.32 -6.79 -15.54
CA ASN A 34 -26.92 -7.05 -14.24
C ASN A 34 -27.11 -5.75 -13.49
N HIS A 35 -26.12 -4.87 -13.56
CA HIS A 35 -26.18 -3.61 -12.85
C HIS A 35 -27.19 -2.64 -13.47
N MET A 36 -27.22 -2.57 -14.79
CA MET A 36 -28.22 -1.72 -15.46
C MET A 36 -29.64 -2.19 -15.17
N THR A 37 -29.85 -3.49 -15.09
CA THR A 37 -31.22 -3.93 -14.83
C THR A 37 -31.56 -3.92 -13.33
N TYR A 38 -30.76 -4.62 -12.51
CA TYR A 38 -31.10 -4.82 -11.08
C TYR A 38 -30.61 -3.74 -10.10
N SER A 39 -29.56 -3.00 -10.43
CA SER A 39 -28.96 -2.04 -9.47
C SER A 39 -29.53 -0.63 -9.50
N LEU A 40 -30.15 -0.26 -10.61
CA LEU A 40 -30.72 1.07 -10.77
C LEU A 40 -32.13 1.13 -10.23
N GLN A 41 -32.68 -0.04 -9.98
CA GLN A 41 -33.98 -0.24 -9.38
C GLN A 41 -34.09 0.57 -8.10
N ASP A 42 -35.32 0.97 -7.79
CA ASP A 42 -35.59 1.90 -6.71
C ASP A 42 -35.67 1.20 -5.36
N VAL A 43 -35.02 1.78 -4.38
CA VAL A 43 -34.84 1.07 -3.14
C VAL A 43 -35.52 1.78 -1.99
N GLY A 44 -36.12 2.92 -2.29
CA GLY A 44 -36.70 3.79 -1.27
C GLY A 44 -37.87 3.19 -0.50
N GLY A 45 -38.87 2.69 -1.22
CA GLY A 45 -40.00 2.08 -0.55
C GLY A 45 -39.87 0.58 -0.43
N ASP A 46 -38.69 0.03 -0.75
CA ASP A 46 -38.45 -1.43 -0.69
C ASP A 46 -38.22 -1.91 0.73
N ALA A 47 -39.14 -2.72 1.23
CA ALA A 47 -39.15 -3.05 2.65
C ALA A 47 -38.03 -4.00 3.07
N ASN A 48 -37.37 -4.63 2.11
CA ASN A 48 -36.20 -5.46 2.38
C ASN A 48 -34.87 -4.67 2.42
N TRP A 49 -34.97 -3.35 2.24
CA TRP A 49 -33.84 -2.45 2.47
C TRP A 49 -34.13 -1.46 3.59
N GLN A 50 -33.09 -1.14 4.35
CA GLN A 50 -33.21 -0.15 5.38
C GLN A 50 -32.29 1.00 5.05
N LEU A 51 -32.82 2.21 5.19
CA LEU A 51 -32.06 3.43 5.00
C LEU A 51 -31.34 3.67 6.31
N VAL A 52 -30.01 3.61 6.30
CA VAL A 52 -29.23 3.67 7.55
C VAL A 52 -28.44 4.99 7.71
N VAL A 53 -28.09 5.62 6.61
CA VAL A 53 -27.38 6.90 6.66
C VAL A 53 -28.00 7.93 5.72
N GLU A 54 -28.33 9.11 6.24
CA GLU A 54 -28.77 10.18 5.35
C GLU A 54 -27.95 11.43 5.65
N GLU A 55 -27.33 11.98 4.60
CA GLU A 55 -26.64 13.26 4.72
C GLU A 55 -26.71 14.09 3.44
N GLY A 56 -27.43 15.19 3.49
CA GLY A 56 -27.66 15.99 2.31
C GLY A 56 -28.42 15.23 1.25
N GLU A 57 -27.89 15.24 0.03
CA GLU A 57 -28.45 14.49 -1.07
C GLU A 57 -28.11 12.99 -0.99
N MET A 58 -27.25 12.63 -0.04
CA MET A 58 -26.81 11.24 0.05
C MET A 58 -27.71 10.39 0.93
N LYS A 59 -28.08 9.21 0.43
CA LYS A 59 -28.79 8.21 1.22
C LYS A 59 -28.12 6.86 1.10
N VAL A 60 -27.91 6.18 2.21
CA VAL A 60 -27.24 4.89 2.20
C VAL A 60 -28.15 3.82 2.79
N TYR A 61 -28.31 2.74 2.04
CA TYR A 61 -29.19 1.62 2.38
C TYR A 61 -28.41 0.33 2.52
N ARG A 62 -28.95 -0.59 3.32
CA ARG A 62 -28.44 -1.92 3.31
C ARG A 62 -29.57 -2.91 3.45
N ARG A 63 -29.28 -4.12 3.02
CA ARG A 63 -30.18 -5.25 3.16
C ARG A 63 -29.43 -6.25 4.01
N GLU A 64 -30.07 -6.80 5.04
CA GLU A 64 -29.37 -7.76 5.90
C GLU A 64 -29.29 -9.19 5.36
N VAL A 65 -28.06 -9.64 5.13
CA VAL A 65 -27.85 -10.93 4.53
C VAL A 65 -26.65 -11.57 5.18
N GLU A 66 -26.80 -12.85 5.51
CA GLU A 66 -25.65 -13.65 5.90
C GLU A 66 -25.79 -15.04 5.31
N GLU A 67 -24.63 -15.66 5.05
CA GLU A 67 -24.56 -17.04 4.62
C GLU A 67 -23.48 -17.72 5.45
N ASN A 68 -23.92 -18.61 6.35
CA ASN A 68 -23.04 -19.36 7.25
C ASN A 68 -22.36 -18.51 8.33
N GLY A 69 -23.08 -17.53 8.85
CA GLY A 69 -22.52 -16.61 9.85
C GLY A 69 -21.76 -15.42 9.28
N ILE A 70 -21.56 -15.38 7.97
CA ILE A 70 -20.84 -14.28 7.31
C ILE A 70 -21.77 -13.23 6.71
N VAL A 71 -21.67 -12.02 7.25
CA VAL A 71 -22.38 -10.86 6.75
C VAL A 71 -21.98 -10.50 5.30
N LEU A 72 -22.97 -10.51 4.42
CA LEU A 72 -22.78 -10.16 3.02
C LEU A 72 -23.46 -8.83 2.70
N ASP A 73 -24.24 -8.29 3.64
CA ASP A 73 -25.13 -7.14 3.43
C ASP A 73 -24.91 -6.36 2.14
N PRO A 74 -25.76 -6.59 1.15
CA PRO A 74 -25.75 -5.66 0.02
C PRO A 74 -25.95 -4.23 0.52
N LEU A 75 -25.25 -3.30 -0.11
CA LEU A 75 -25.37 -1.90 0.20
C LEU A 75 -25.65 -1.13 -1.09
N LYS A 76 -26.39 -0.05 -0.96
CA LYS A 76 -26.75 0.77 -2.08
C LYS A 76 -26.82 2.22 -1.61
N ALA A 77 -26.09 3.09 -2.28
CA ALA A 77 -26.17 4.51 -1.94
C ALA A 77 -26.63 5.32 -3.14
N THR A 78 -27.50 6.29 -2.89
CA THR A 78 -27.88 7.27 -3.93
C THR A 78 -27.31 8.62 -3.56
N HIS A 79 -26.93 9.38 -4.55
CA HIS A 79 -26.42 10.71 -4.30
C HIS A 79 -26.78 11.60 -5.49
N ALA A 80 -26.88 12.90 -5.23
CA ALA A 80 -27.01 13.92 -6.25
C ALA A 80 -25.92 14.98 -6.03
N VAL A 81 -25.05 15.17 -7.01
CA VAL A 81 -23.89 16.06 -6.83
C VAL A 81 -23.81 17.19 -7.87
N LYS A 82 -23.89 18.42 -7.39
CA LYS A 82 -23.95 19.61 -8.24
C LYS A 82 -22.60 19.97 -8.87
N GLY A 83 -22.62 20.23 -10.18
CA GLY A 83 -21.48 20.86 -10.83
C GLY A 83 -20.51 19.88 -11.45
N VAL A 84 -20.91 18.61 -11.51
CA VAL A 84 -20.08 17.57 -12.08
C VAL A 84 -20.95 16.75 -13.03
N THR A 85 -20.32 16.09 -14.00
CA THR A 85 -21.09 15.23 -14.91
C THR A 85 -20.89 13.78 -14.50
N GLY A 86 -21.65 12.86 -15.08
CA GLY A 86 -21.44 11.45 -14.79
C GLY A 86 -20.11 10.95 -15.34
N HIS A 87 -19.75 11.39 -16.55
CA HIS A 87 -18.47 11.07 -17.17
C HIS A 87 -17.30 11.45 -16.25
N GLU A 88 -17.38 12.63 -15.66
CA GLU A 88 -16.34 13.08 -14.77
C GLU A 88 -16.23 12.21 -13.53
N VAL A 89 -17.37 11.90 -12.90
CA VAL A 89 -17.34 11.17 -11.65
C VAL A 89 -16.77 9.76 -11.79
N CYS A 90 -17.06 9.13 -12.93
CA CYS A 90 -16.57 7.81 -13.23
C CYS A 90 -15.13 7.84 -13.66
N ASN A 91 -14.70 8.91 -14.32
CA ASN A 91 -13.30 8.99 -14.72
C ASN A 91 -12.50 9.00 -13.43
N TYR A 92 -12.86 9.90 -12.55
CA TYR A 92 -12.17 10.06 -11.28
C TYR A 92 -12.23 8.79 -10.42
N PHE A 93 -13.38 8.10 -10.43
CA PHE A 93 -13.52 6.88 -9.66
C PHE A 93 -12.59 5.82 -10.19
N TRP A 94 -12.48 5.73 -11.53
CA TRP A 94 -11.75 4.65 -12.20
C TRP A 94 -10.21 4.82 -12.21
N ASN A 95 -9.80 6.07 -12.35
CA ASN A 95 -8.42 6.42 -12.66
C ASN A 95 -7.44 6.19 -11.52
N VAL A 96 -6.53 5.24 -11.68
CA VAL A 96 -5.69 4.88 -10.56
C VAL A 96 -4.69 5.95 -10.14
N ASP A 97 -4.39 6.90 -11.03
CA ASP A 97 -3.39 7.94 -10.72
C ASP A 97 -3.93 8.94 -9.72
N VAL A 98 -5.24 8.90 -9.48
CA VAL A 98 -5.81 9.78 -8.46
C VAL A 98 -6.35 9.07 -7.24
N ARG A 99 -6.26 7.75 -7.23
CA ARG A 99 -6.82 6.95 -6.14
C ARG A 99 -6.42 7.47 -4.74
N ASN A 100 -5.11 7.72 -4.53
CA ASN A 100 -4.64 8.09 -3.21
C ASN A 100 -5.04 9.48 -2.82
N ASP A 101 -5.57 10.24 -3.76
CA ASP A 101 -6.07 11.55 -3.41
C ASP A 101 -7.35 11.41 -2.62
N TRP A 102 -8.11 10.34 -2.84
CA TRP A 102 -9.41 10.25 -2.16
C TRP A 102 -9.58 9.01 -1.31
N GLU A 103 -8.95 7.91 -1.70
CA GLU A 103 -9.10 6.64 -0.99
C GLU A 103 -8.36 6.64 0.36
N THR A 104 -9.10 6.38 1.45
CA THR A 104 -8.51 6.30 2.80
C THR A 104 -8.39 4.89 3.40
N THR A 105 -8.91 3.87 2.72
CA THR A 105 -8.89 2.53 3.28
C THR A 105 -7.78 1.63 2.71
N ILE A 106 -7.02 2.15 1.74
CA ILE A 106 -6.04 1.35 1.04
C ILE A 106 -4.66 1.43 1.70
N GLU A 107 -3.93 0.32 1.73
CA GLU A 107 -2.58 0.33 2.24
C GLU A 107 -1.60 0.40 1.08
N ASN A 108 -1.75 -0.52 0.14
CA ASN A 108 -0.99 -0.50 -1.10
C ASN A 108 -1.87 -1.06 -2.22
N PHE A 109 -1.49 -0.80 -3.45
CA PHE A 109 -2.10 -1.47 -4.56
C PHE A 109 -1.16 -1.41 -5.75
N HIS A 110 -1.48 -2.19 -6.78
CA HIS A 110 -0.82 -2.04 -8.05
C HIS A 110 -1.64 -2.64 -9.20
N VAL A 111 -1.48 -2.08 -10.39
CA VAL A 111 -2.10 -2.65 -11.56
C VAL A 111 -1.37 -3.94 -11.93
N VAL A 112 -2.11 -5.05 -11.88
CA VAL A 112 -1.64 -6.39 -12.24
C VAL A 112 -1.66 -6.63 -13.74
N GLU A 113 -2.60 -6.00 -14.43
CA GLU A 113 -2.67 -6.14 -15.88
C GLU A 113 -3.52 -5.05 -16.53
N THR A 114 -3.24 -4.73 -17.78
CA THR A 114 -4.07 -3.85 -18.58
C THR A 114 -4.67 -4.68 -19.68
N LEU A 115 -6.00 -4.67 -19.76
CA LEU A 115 -6.74 -5.50 -20.71
C LEU A 115 -7.11 -4.68 -21.96
N ALA A 116 -7.47 -3.43 -21.72
CA ALA A 116 -7.82 -2.50 -22.74
C ALA A 116 -7.58 -1.12 -22.09
N ASP A 117 -7.91 -0.03 -22.80
CA ASP A 117 -7.76 1.33 -22.25
C ASP A 117 -8.84 1.63 -21.21
N ASN A 118 -9.86 0.80 -21.12
CA ASN A 118 -10.91 1.06 -20.16
C ASN A 118 -11.05 -0.07 -19.13
N ALA A 119 -10.11 -1.00 -19.11
CA ALA A 119 -10.21 -2.15 -18.22
C ALA A 119 -8.87 -2.61 -17.68
N ILE A 120 -8.76 -2.68 -16.36
CA ILE A 120 -7.52 -3.12 -15.70
C ILE A 120 -7.86 -4.10 -14.60
N ILE A 121 -6.88 -4.90 -14.20
CA ILE A 121 -7.05 -5.78 -13.07
C ILE A 121 -6.14 -5.22 -11.99
N ILE A 122 -6.69 -4.97 -10.80
CA ILE A 122 -5.93 -4.32 -9.74
C ILE A 122 -5.84 -5.22 -8.53
N TYR A 123 -4.67 -5.27 -7.90
CA TYR A 123 -4.54 -5.92 -6.62
C TYR A 123 -4.34 -4.84 -5.63
N GLN A 124 -4.94 -5.01 -4.44
CA GLN A 124 -4.68 -4.08 -3.38
C GLN A 124 -4.88 -4.69 -2.00
N THR A 125 -4.22 -4.08 -1.01
CA THR A 125 -4.32 -4.47 0.39
C THR A 125 -4.98 -3.36 1.16
N HIS A 126 -5.93 -3.70 2.02
CA HIS A 126 -6.62 -2.68 2.78
C HIS A 126 -6.05 -2.49 4.19
N LYS A 127 -6.13 -1.26 4.68
CA LYS A 127 -5.88 -0.98 6.10
C LYS A 127 -6.89 -1.80 6.93
N ARG A 128 -6.53 -2.08 8.17
CA ARG A 128 -7.42 -2.80 9.04
C ARG A 128 -8.55 -1.87 9.43
N VAL A 129 -9.77 -2.14 8.98
CA VAL A 129 -10.87 -1.28 9.40
C VAL A 129 -11.63 -1.95 10.54
N TRP A 130 -11.40 -3.25 10.74
CA TRP A 130 -11.61 -3.83 12.06
C TRP A 130 -10.33 -4.55 12.51
N PRO A 131 -10.18 -4.78 13.82
CA PRO A 131 -9.03 -5.48 14.40
C PRO A 131 -9.02 -6.98 14.12
N ALA A 132 -8.69 -7.32 12.87
CA ALA A 132 -8.55 -8.68 12.40
C ALA A 132 -7.57 -8.56 11.26
N SER A 133 -7.32 -9.67 10.56
CA SER A 133 -6.34 -9.64 9.47
C SER A 133 -6.70 -8.59 8.42
N GLN A 134 -5.68 -7.98 7.83
CA GLN A 134 -5.90 -7.13 6.68
C GLN A 134 -6.59 -8.01 5.64
N ARG A 135 -7.44 -7.38 4.83
CA ARG A 135 -8.04 -8.03 3.68
C ARG A 135 -7.33 -7.49 2.48
N ASP A 136 -7.12 -8.36 1.48
CA ASP A 136 -6.70 -7.89 0.16
C ASP A 136 -7.78 -8.24 -0.86
N VAL A 137 -7.69 -7.62 -2.03
CA VAL A 137 -8.67 -7.84 -3.05
C VAL A 137 -8.04 -7.83 -4.43
N LEU A 138 -8.60 -8.63 -5.33
CA LEU A 138 -8.09 -8.76 -6.67
C LEU A 138 -9.26 -8.57 -7.65
N TYR A 139 -9.35 -7.40 -8.25
CA TYR A 139 -10.54 -7.09 -9.06
C TYR A 139 -10.27 -6.42 -10.40
N LEU A 140 -11.16 -6.71 -11.33
CA LEU A 140 -11.21 -6.08 -12.64
C LEU A 140 -12.01 -4.77 -12.50
N SER A 141 -11.45 -3.67 -12.97
CA SER A 141 -12.10 -2.37 -12.85
C SER A 141 -12.28 -1.86 -14.25
N VAL A 142 -13.53 -1.83 -14.73
CA VAL A 142 -13.82 -1.40 -16.10
C VAL A 142 -14.69 -0.14 -16.16
N ILE A 143 -14.36 0.79 -17.05
CA ILE A 143 -15.22 1.97 -17.25
C ILE A 143 -15.94 1.95 -18.60
N ARG A 144 -17.26 2.10 -18.59
CA ARG A 144 -18.10 2.04 -19.81
C ARG A 144 -19.16 3.11 -19.88
N LYS A 145 -19.51 3.49 -21.11
CA LYS A 145 -20.61 4.41 -21.36
C LYS A 145 -21.74 3.57 -21.89
N ILE A 146 -22.93 3.73 -21.31
CA ILE A 146 -24.16 3.10 -21.84
C ILE A 146 -24.89 4.23 -22.56
N PRO A 147 -25.03 4.10 -23.89
CA PRO A 147 -25.67 5.11 -24.74
C PRO A 147 -27.11 5.30 -24.31
N ALA A 148 -27.56 6.54 -24.27
CA ALA A 148 -28.97 6.84 -24.07
C ALA A 148 -29.76 6.28 -25.25
N LEU A 149 -31.02 5.93 -25.05
CA LEU A 149 -31.90 5.51 -26.14
C LEU A 149 -32.49 6.68 -26.93
N THR A 150 -32.78 7.80 -26.26
CA THR A 150 -33.14 9.05 -26.95
C THR A 150 -32.29 10.17 -26.38
N GLU A 151 -32.22 11.29 -27.11
CA GLU A 151 -31.50 12.46 -26.60
C GLU A 151 -32.23 13.15 -25.45
N ASN A 152 -33.42 12.62 -25.13
CA ASN A 152 -34.17 13.09 -23.97
C ASN A 152 -33.77 12.47 -22.63
N ASP A 153 -32.94 11.44 -22.69
CA ASP A 153 -32.42 10.75 -21.51
C ASP A 153 -30.94 11.01 -21.33
N PRO A 154 -30.45 10.84 -20.10
CA PRO A 154 -28.99 10.87 -19.86
C PRO A 154 -28.24 9.61 -20.38
N GLU A 155 -27.03 9.79 -20.89
CA GLU A 155 -26.14 8.65 -21.05
C GLU A 155 -25.68 8.16 -19.69
N THR A 156 -25.36 6.89 -19.59
CA THR A 156 -24.97 6.35 -18.31
C THR A 156 -23.53 5.98 -18.35
N TRP A 157 -22.74 6.52 -17.44
CA TRP A 157 -21.37 6.02 -17.21
C TRP A 157 -21.34 5.12 -16.00
N ILE A 158 -20.58 4.04 -16.09
CA ILE A 158 -20.53 3.09 -15.01
C ILE A 158 -19.10 2.57 -14.86
N VAL A 159 -18.63 2.46 -13.61
CA VAL A 159 -17.45 1.67 -13.30
C VAL A 159 -17.87 0.39 -12.54
N CYS A 160 -17.49 -0.77 -13.10
CA CYS A 160 -17.67 -2.03 -12.38
C CYS A 160 -16.34 -2.53 -11.83
N ASN A 161 -16.35 -2.85 -10.54
CA ASN A 161 -15.20 -3.46 -9.88
C ASN A 161 -15.69 -4.80 -9.37
N PHE A 162 -15.15 -5.88 -9.91
CA PHE A 162 -15.57 -7.20 -9.42
C PHE A 162 -14.40 -8.15 -9.40
N SER A 163 -14.41 -9.09 -8.45
CA SER A 163 -13.26 -9.97 -8.27
C SER A 163 -12.99 -10.90 -9.44
N VAL A 164 -11.70 -11.17 -9.66
CA VAL A 164 -11.24 -12.17 -10.63
C VAL A 164 -9.98 -12.87 -10.07
N ASP A 165 -9.53 -13.91 -10.75
CA ASP A 165 -8.26 -14.57 -10.40
C ASP A 165 -7.18 -14.16 -11.41
N HIS A 166 -5.92 -14.18 -10.97
CA HIS A 166 -4.82 -13.93 -11.86
C HIS A 166 -3.62 -14.73 -11.41
N ASP A 167 -2.91 -15.33 -12.38
CA ASP A 167 -1.68 -16.08 -12.11
C ASP A 167 -0.72 -15.22 -11.30
N SER A 168 -0.63 -13.94 -11.63
CA SER A 168 0.39 -13.10 -11.00
C SER A 168 -0.09 -12.47 -9.72
N ALA A 169 -1.13 -13.03 -9.12
CA ALA A 169 -1.60 -12.56 -7.82
C ALA A 169 -2.40 -13.63 -7.08
N PRO A 170 -1.70 -14.61 -6.47
CA PRO A 170 -2.42 -15.58 -5.64
C PRO A 170 -2.52 -15.10 -4.19
N LEU A 171 -3.20 -15.89 -3.35
CA LEU A 171 -3.41 -15.61 -1.93
C LEU A 171 -2.18 -15.15 -1.12
N ASN A 172 -2.35 -14.11 -0.32
CA ASN A 172 -1.29 -13.49 0.50
C ASN A 172 -1.27 -14.07 1.92
N ASN A 173 -0.25 -14.88 2.24
CA ASN A 173 -0.12 -15.51 3.56
C ASN A 173 -0.82 -14.75 4.69
N ARG A 174 -0.48 -13.47 4.84
CA ARG A 174 -0.96 -12.64 5.95
C ARG A 174 -2.43 -12.19 5.81
N CYS A 175 -2.89 -11.99 4.57
CA CYS A 175 -4.18 -11.34 4.32
C CYS A 175 -5.29 -12.31 4.01
N VAL A 176 -6.51 -11.93 4.37
CA VAL A 176 -7.69 -12.67 3.96
C VAL A 176 -8.24 -12.08 2.64
N ARG A 177 -8.71 -12.95 1.75
CA ARG A 177 -9.15 -12.53 0.42
C ARG A 177 -10.66 -12.22 0.35
N ALA A 178 -10.96 -10.93 0.25
CA ALA A 178 -12.32 -10.44 0.04
C ALA A 178 -12.70 -10.59 -1.42
N LYS A 179 -13.99 -10.77 -1.67
CA LYS A 179 -14.53 -10.78 -3.03
C LYS A 179 -15.51 -9.66 -3.11
N ILE A 180 -15.46 -8.88 -4.17
CA ILE A 180 -16.35 -7.76 -4.34
C ILE A 180 -17.14 -7.80 -5.64
N ASN A 181 -18.26 -7.10 -5.62
CA ASN A 181 -19.03 -6.77 -6.81
C ASN A 181 -19.55 -5.34 -6.56
N VAL A 182 -18.90 -4.35 -7.17
CA VAL A 182 -19.16 -2.95 -6.90
C VAL A 182 -19.52 -2.26 -8.21
N ALA A 183 -20.40 -1.27 -8.15
CA ALA A 183 -20.60 -0.41 -9.32
C ALA A 183 -20.92 1.00 -8.90
N MET A 184 -20.37 1.96 -9.63
CA MET A 184 -20.69 3.35 -9.42
C MET A 184 -21.39 3.76 -10.70
N ILE A 185 -22.67 4.11 -10.63
CA ILE A 185 -23.41 4.40 -11.84
C ILE A 185 -23.87 5.86 -11.80
N CYS A 186 -23.58 6.62 -12.85
CA CYS A 186 -23.86 8.05 -12.83
C CYS A 186 -24.52 8.54 -14.12
N GLN A 187 -25.36 9.55 -13.97
CA GLN A 187 -26.09 10.16 -15.07
C GLN A 187 -26.09 11.67 -14.86
N THR A 188 -25.80 12.41 -15.93
CA THR A 188 -25.78 13.88 -15.88
C THR A 188 -27.17 14.44 -16.21
N LEU A 189 -27.78 15.19 -15.29
CA LEU A 189 -28.99 15.94 -15.61
C LEU A 189 -28.55 17.36 -16.00
N VAL A 190 -29.05 17.86 -17.11
CA VAL A 190 -28.61 19.18 -17.55
C VAL A 190 -29.80 20.09 -17.48
N SER A 191 -29.56 21.36 -17.23
CA SER A 191 -30.64 22.33 -17.14
C SER A 191 -30.14 23.67 -17.70
N PRO A 192 -30.22 23.83 -19.02
CA PRO A 192 -29.65 25.04 -19.64
C PRO A 192 -30.41 26.29 -19.22
N PRO A 193 -29.70 27.42 -19.11
CA PRO A 193 -30.31 28.68 -18.69
C PRO A 193 -31.19 29.23 -19.82
N GLU A 194 -32.17 30.08 -19.50
CA GLU A 194 -33.16 30.50 -20.52
C GLU A 194 -32.65 31.52 -21.56
N GLY A 195 -31.52 32.19 -21.29
CA GLY A 195 -31.12 33.33 -22.16
C GLY A 195 -29.89 33.23 -23.04
N ASN A 196 -29.06 34.25 -22.99
CA ASN A 196 -27.82 34.30 -23.78
C ASN A 196 -26.61 33.65 -23.11
N GLN A 197 -26.77 33.23 -21.84
CA GLN A 197 -25.67 32.61 -21.09
C GLN A 197 -25.23 31.26 -21.64
N GLU A 198 -23.94 30.99 -21.56
CA GLU A 198 -23.47 29.64 -21.85
C GLU A 198 -23.68 28.73 -20.63
N ILE A 199 -24.02 27.48 -20.91
CA ILE A 199 -24.17 26.43 -19.89
C ILE A 199 -22.98 26.45 -18.92
N SER A 200 -23.24 26.44 -17.63
CA SER A 200 -22.11 26.45 -16.70
C SER A 200 -22.29 25.32 -15.71
N ARG A 201 -21.33 25.17 -14.80
CA ARG A 201 -21.40 24.07 -13.83
C ARG A 201 -22.60 24.21 -12.92
N ASP A 202 -23.13 25.42 -12.84
CA ASP A 202 -24.35 25.66 -12.09
C ASP A 202 -25.55 24.94 -12.69
N ASN A 203 -25.45 24.55 -13.96
CA ASN A 203 -26.60 24.02 -14.67
C ASN A 203 -26.63 22.48 -14.77
N ILE A 204 -25.69 21.81 -14.11
CA ILE A 204 -25.58 20.36 -14.25
C ILE A 204 -25.63 19.68 -12.90
N LEU A 205 -26.16 18.47 -12.86
CA LEU A 205 -26.27 17.71 -11.61
C LEU A 205 -25.99 16.25 -11.92
N CYS A 206 -25.12 15.62 -11.14
CA CYS A 206 -24.84 14.19 -11.35
C CYS A 206 -25.64 13.35 -10.37
N LYS A 207 -26.46 12.46 -10.92
CA LYS A 207 -27.15 11.43 -10.15
C LYS A 207 -26.21 10.27 -10.09
N ILE A 208 -26.06 9.71 -8.89
CA ILE A 208 -25.14 8.62 -8.64
C ILE A 208 -25.87 7.55 -7.87
N THR A 209 -25.69 6.31 -8.35
CA THR A 209 -26.05 5.12 -7.63
C THR A 209 -24.75 4.35 -7.46
N TYR A 210 -24.41 4.03 -6.22
CA TYR A 210 -23.25 3.21 -5.90
C TYR A 210 -23.73 1.99 -5.13
N VAL A 211 -23.39 0.82 -5.67
CA VAL A 211 -23.76 -0.47 -5.08
C VAL A 211 -22.50 -1.27 -4.68
N ALA A 212 -22.51 -1.88 -3.50
CA ALA A 212 -21.38 -2.68 -3.10
C ALA A 212 -21.89 -3.97 -2.49
N ASN A 213 -21.49 -5.09 -3.08
CA ASN A 213 -21.71 -6.40 -2.48
C ASN A 213 -20.38 -7.05 -2.15
N VAL A 214 -20.02 -7.06 -0.87
CA VAL A 214 -18.71 -7.54 -0.45
C VAL A 214 -18.79 -8.77 0.45
N ASN A 215 -17.96 -9.75 0.11
CA ASN A 215 -17.74 -10.89 0.98
C ASN A 215 -16.39 -10.72 1.64
N PRO A 216 -16.40 -10.38 2.92
CA PRO A 216 -15.22 -10.10 3.75
C PRO A 216 -14.23 -11.27 3.80
N GLY A 217 -14.66 -12.46 3.39
CA GLY A 217 -13.75 -13.60 3.18
C GLY A 217 -13.53 -14.45 4.42
N GLY A 218 -14.17 -14.06 5.53
CA GLY A 218 -14.11 -14.79 6.81
C GLY A 218 -15.01 -14.11 7.87
N TRP A 219 -15.03 -14.66 9.08
CA TRP A 219 -16.01 -14.22 10.07
C TRP A 219 -15.55 -13.01 10.89
N ALA A 220 -16.52 -12.22 11.34
CA ALA A 220 -16.27 -11.12 12.25
C ALA A 220 -17.61 -10.91 12.90
N PRO A 221 -17.65 -10.32 14.10
CA PRO A 221 -18.99 -10.09 14.69
C PRO A 221 -19.84 -9.12 13.84
N ALA A 222 -21.03 -9.53 13.47
CA ALA A 222 -21.84 -8.77 12.53
C ALA A 222 -22.02 -7.32 12.95
N SER A 223 -22.16 -7.08 14.25
CA SER A 223 -22.35 -5.74 14.78
C SER A 223 -21.18 -4.85 14.39
N VAL A 224 -19.98 -5.44 14.34
CA VAL A 224 -18.76 -4.71 14.08
C VAL A 224 -18.59 -4.44 12.58
N LEU A 225 -18.81 -5.45 11.76
CA LEU A 225 -18.77 -5.24 10.32
C LEU A 225 -19.83 -4.24 9.85
N ARG A 226 -21.03 -4.34 10.41
CA ARG A 226 -22.08 -3.43 10.01
C ARG A 226 -21.80 -1.98 10.46
N ALA A 227 -21.09 -1.80 11.57
CA ALA A 227 -20.82 -0.45 12.06
C ALA A 227 -19.69 0.14 11.23
N VAL A 228 -18.83 -0.71 10.70
CA VAL A 228 -17.78 -0.28 9.81
C VAL A 228 -18.34 0.12 8.42
N ALA A 229 -19.28 -0.65 7.87
CA ALA A 229 -19.88 -0.28 6.61
C ALA A 229 -20.56 1.07 6.76
N LYS A 230 -21.34 1.23 7.83
CA LYS A 230 -22.08 2.48 8.12
C LYS A 230 -21.15 3.69 8.26
N ARG A 231 -19.95 3.44 8.79
CA ARG A 231 -19.00 4.52 8.96
C ARG A 231 -18.27 4.84 7.65
N GLU A 232 -17.76 3.81 6.99
CA GLU A 232 -16.79 4.00 5.92
C GLU A 232 -17.39 4.32 4.54
N TYR A 233 -18.56 3.79 4.23
CA TYR A 233 -19.15 4.10 2.93
C TYR A 233 -19.54 5.56 2.77
N PRO A 234 -20.33 6.08 3.71
CA PRO A 234 -20.66 7.51 3.65
C PRO A 234 -19.42 8.41 3.74
N LYS A 235 -18.37 8.02 4.45
CA LYS A 235 -17.15 8.83 4.54
C LYS A 235 -16.46 8.87 3.16
N PHE A 236 -16.44 7.72 2.50
CA PHE A 236 -15.91 7.62 1.15
C PHE A 236 -16.72 8.45 0.16
N LEU A 237 -18.04 8.32 0.19
CA LEU A 237 -18.85 9.05 -0.77
C LEU A 237 -18.70 10.54 -0.65
N LYS A 238 -18.79 11.06 0.57
CA LYS A 238 -18.67 12.52 0.84
C LYS A 238 -17.34 13.06 0.37
N ARG A 239 -16.28 12.36 0.73
CA ARG A 239 -14.92 12.75 0.43
C ARG A 239 -14.61 12.56 -1.05
N PHE A 240 -15.06 11.44 -1.63
CA PHE A 240 -14.80 11.22 -3.04
C PHE A 240 -15.56 12.17 -3.94
N THR A 241 -16.85 12.38 -3.65
CA THR A 241 -17.60 13.30 -4.49
C THR A 241 -17.11 14.72 -4.31
N SER A 242 -16.73 15.11 -3.09
CA SER A 242 -16.26 16.47 -2.83
C SER A 242 -15.00 16.71 -3.62
N TYR A 243 -14.18 15.66 -3.70
CA TYR A 243 -12.92 15.73 -4.38
C TYR A 243 -13.12 15.97 -5.88
N VAL A 244 -14.07 15.26 -6.49
CA VAL A 244 -14.38 15.48 -7.89
C VAL A 244 -14.85 16.93 -8.08
N GLN A 245 -15.66 17.43 -7.16
CA GLN A 245 -16.11 18.81 -7.24
C GLN A 245 -14.93 19.77 -7.21
N GLU A 246 -14.00 19.56 -6.30
CA GLU A 246 -12.81 20.40 -6.26
C GLU A 246 -11.98 20.31 -7.54
N LYS A 247 -11.77 19.11 -8.08
CA LYS A 247 -10.85 18.98 -9.19
C LYS A 247 -11.42 19.39 -10.53
N THR A 248 -12.72 19.66 -10.58
CA THR A 248 -13.32 20.05 -11.86
C THR A 248 -13.89 21.45 -11.82
N ALA A 249 -13.81 22.12 -10.68
CA ALA A 249 -14.37 23.45 -10.56
C ALA A 249 -13.66 24.40 -11.51
N GLY A 250 -14.41 25.17 -12.28
CA GLY A 250 -13.81 26.12 -13.21
C GLY A 250 -13.44 25.52 -14.56
N LYS A 251 -13.16 24.22 -14.60
CA LYS A 251 -12.79 23.56 -15.88
C LYS A 251 -13.98 23.41 -16.86
N PRO A 252 -13.69 23.28 -18.17
CA PRO A 252 -14.78 23.02 -19.11
C PRO A 252 -15.43 21.64 -18.85
N ILE A 253 -16.72 21.56 -19.13
CA ILE A 253 -17.55 20.41 -18.81
C ILE A 253 -17.35 19.20 -19.73
N LEU A 254 -17.02 18.05 -19.16
CA LEU A 254 -16.88 16.79 -19.91
C LEU A 254 -18.15 15.95 -19.78
N PHE A 255 -18.94 15.88 -20.84
CA PHE A 255 -20.19 15.12 -20.78
C PHE A 255 -19.99 13.67 -21.13
N HIS B 22 24.77 -12.74 -12.74
CA HIS B 22 25.51 -13.49 -11.62
C HIS B 22 24.71 -14.59 -10.92
N ARG B 23 25.42 -15.51 -10.27
CA ARG B 23 24.79 -16.71 -9.77
C ARG B 23 23.65 -16.51 -8.72
N PHE B 24 23.54 -15.32 -8.13
CA PHE B 24 22.51 -15.06 -7.13
C PHE B 24 21.31 -14.24 -7.60
N VAL B 25 21.20 -13.99 -8.91
CA VAL B 25 20.14 -13.12 -9.44
C VAL B 25 18.78 -13.56 -8.96
N GLN B 26 18.48 -14.86 -9.05
CA GLN B 26 17.14 -15.40 -8.77
C GLN B 26 16.79 -15.28 -7.30
N LYS B 27 17.74 -15.61 -6.45
CA LYS B 27 17.60 -15.41 -5.02
C LYS B 27 17.34 -13.93 -4.68
N VAL B 28 18.11 -13.02 -5.27
CA VAL B 28 17.94 -11.59 -5.02
C VAL B 28 16.54 -11.12 -5.40
N GLU B 29 16.05 -11.51 -6.56
CA GLU B 29 14.68 -11.11 -6.95
C GLU B 29 13.62 -11.65 -6.00
N GLU B 30 13.81 -12.90 -5.56
CA GLU B 30 12.86 -13.57 -4.69
C GLU B 30 12.75 -12.86 -3.34
N MET B 31 13.90 -12.45 -2.78
CA MET B 31 13.94 -11.70 -1.52
C MET B 31 13.36 -10.28 -1.65
N VAL B 32 13.78 -9.59 -2.72
CA VAL B 32 13.25 -8.28 -3.02
C VAL B 32 11.73 -8.30 -3.18
N GLN B 33 11.23 -9.32 -3.88
CA GLN B 33 9.79 -9.41 -4.11
C GLN B 33 9.09 -9.74 -2.79
N ASN B 34 9.64 -10.68 -2.05
CA ASN B 34 9.02 -11.08 -0.81
C ASN B 34 8.95 -9.94 0.17
N HIS B 35 10.02 -9.16 0.24
CA HIS B 35 10.03 -7.99 1.08
C HIS B 35 9.02 -6.93 0.63
N MET B 36 8.93 -6.71 -0.68
CA MET B 36 7.99 -5.72 -1.22
C MET B 36 6.57 -6.13 -0.94
N THR B 37 6.32 -7.44 -0.96
CA THR B 37 4.99 -7.97 -0.74
C THR B 37 4.66 -7.96 0.75
N TYR B 38 5.57 -8.43 1.59
CA TYR B 38 5.29 -8.59 3.02
C TYR B 38 5.80 -7.49 3.96
N SER B 39 6.92 -6.86 3.65
CA SER B 39 7.57 -6.03 4.65
C SER B 39 6.94 -4.65 4.81
N LEU B 40 6.11 -4.29 3.84
CA LEU B 40 5.50 -2.99 3.83
C LEU B 40 4.13 -3.00 4.50
N GLN B 41 3.75 -4.15 5.04
CA GLN B 41 2.44 -4.26 5.64
C GLN B 41 2.50 -3.72 7.05
N ASP B 42 1.43 -3.06 7.48
CA ASP B 42 1.41 -2.37 8.77
C ASP B 42 1.35 -3.32 9.97
N VAL B 43 2.15 -3.00 10.98
CA VAL B 43 2.23 -3.84 12.17
C VAL B 43 1.73 -3.02 13.36
N GLY B 44 1.35 -1.77 13.09
CA GLY B 44 0.81 -0.87 14.09
C GLY B 44 -0.45 -1.40 14.74
N GLY B 45 -1.34 -1.97 13.94
CA GLY B 45 -2.56 -2.54 14.51
C GLY B 45 -2.50 -4.05 14.44
N ASP B 46 -1.34 -4.62 14.10
CA ASP B 46 -1.22 -6.07 14.11
C ASP B 46 -0.93 -6.50 15.53
N ALA B 47 -1.89 -7.17 16.13
CA ALA B 47 -1.78 -7.55 17.53
C ALA B 47 -0.83 -8.73 17.80
N ASN B 48 -0.18 -9.26 16.78
CA ASN B 48 0.83 -10.30 17.05
C ASN B 48 2.19 -9.66 17.20
N TRP B 49 2.27 -8.38 16.83
CA TRP B 49 3.48 -7.64 17.05
C TRP B 49 3.34 -6.73 18.24
N GLN B 50 4.48 -6.36 18.78
CA GLN B 50 4.50 -5.54 19.96
C GLN B 50 5.50 -4.40 19.69
N LEU B 51 5.03 -3.19 19.96
CA LEU B 51 5.85 -2.00 19.87
C LEU B 51 6.76 -1.92 21.09
N VAL B 52 8.05 -2.15 20.92
CA VAL B 52 8.96 -2.23 22.06
C VAL B 52 9.80 -0.96 22.36
N VAL B 53 10.04 -0.13 21.33
CA VAL B 53 10.83 1.08 21.47
C VAL B 53 10.28 2.18 20.56
N GLU B 54 10.09 3.37 21.13
CA GLU B 54 9.70 4.54 20.36
C GLU B 54 10.48 5.73 20.85
N GLU B 55 10.84 6.59 19.89
CA GLU B 55 11.82 7.65 20.03
C GLU B 55 11.64 8.56 18.82
N GLY B 56 11.08 9.75 19.00
CA GLY B 56 10.87 10.64 17.86
C GLY B 56 9.94 10.00 16.82
N GLU B 57 10.33 10.04 15.55
CA GLU B 57 9.55 9.48 14.42
C GLU B 57 9.74 7.99 14.29
N MET B 58 10.61 7.42 15.13
CA MET B 58 11.00 6.03 14.99
C MET B 58 10.15 5.05 15.83
N LYS B 59 9.62 4.01 15.21
CA LYS B 59 8.88 3.00 15.94
C LYS B 59 9.45 1.63 15.66
N VAL B 60 9.80 0.89 16.72
CA VAL B 60 10.43 -0.41 16.58
C VAL B 60 9.55 -1.52 17.14
N TYR B 61 9.36 -2.57 16.34
CA TYR B 61 8.41 -3.61 16.68
C TYR B 61 9.06 -4.96 16.59
N ARG B 62 8.54 -5.91 17.36
CA ARG B 62 9.00 -7.26 17.21
C ARG B 62 7.85 -8.22 17.34
N ARG B 63 8.09 -9.43 16.90
CA ARG B 63 7.15 -10.49 17.09
C ARG B 63 7.90 -11.63 17.75
N GLU B 64 7.40 -12.13 18.86
CA GLU B 64 8.11 -13.19 19.62
C GLU B 64 7.90 -14.58 19.02
N VAL B 65 8.98 -15.15 18.52
CA VAL B 65 8.97 -16.39 17.77
C VAL B 65 10.16 -17.25 18.16
N GLU B 66 9.90 -18.53 18.42
CA GLU B 66 10.95 -19.49 18.68
C GLU B 66 10.72 -20.72 17.85
N GLU B 67 11.82 -21.29 17.37
CA GLU B 67 11.76 -22.50 16.55
C GLU B 67 12.87 -23.44 17.00
N ASN B 68 12.47 -24.57 17.59
CA ASN B 68 13.36 -25.55 18.20
C ASN B 68 14.10 -24.99 19.38
N GLY B 69 13.41 -24.15 20.15
CA GLY B 69 14.04 -23.47 21.27
C GLY B 69 14.87 -22.22 20.95
N ILE B 70 14.98 -21.86 19.67
CA ILE B 70 15.80 -20.70 19.26
C ILE B 70 14.97 -19.42 19.00
N VAL B 71 15.36 -18.32 19.65
CA VAL B 71 14.69 -17.00 19.49
C VAL B 71 14.95 -16.37 18.12
N LEU B 72 13.90 -16.22 17.32
CA LEU B 72 14.05 -15.72 15.95
C LEU B 72 13.36 -14.38 15.76
N ASP B 73 12.76 -13.86 16.82
CA ASP B 73 11.97 -12.63 16.79
C ASP B 73 12.13 -11.71 15.57
N PRO B 74 11.21 -11.80 14.60
CA PRO B 74 11.17 -10.82 13.53
C PRO B 74 11.10 -9.44 14.12
N LEU B 75 11.86 -8.53 13.52
CA LEU B 75 11.88 -7.16 13.98
C LEU B 75 11.56 -6.28 12.81
N LYS B 76 10.74 -5.25 13.03
CA LYS B 76 10.45 -4.24 12.05
C LYS B 76 10.44 -2.85 12.68
N ALA B 77 11.07 -1.89 11.99
CA ALA B 77 11.03 -0.50 12.40
C ALA B 77 10.51 0.39 11.27
N THR B 78 9.91 1.51 11.61
CA THR B 78 9.53 2.49 10.62
C THR B 78 10.11 3.80 11.14
N HIS B 79 10.51 4.66 10.22
CA HIS B 79 11.10 5.92 10.58
C HIS B 79 10.79 6.91 9.47
N ALA B 80 10.81 8.19 9.79
CA ALA B 80 10.51 9.19 8.77
C ALA B 80 11.61 10.23 8.92
N VAL B 81 12.42 10.41 7.88
CA VAL B 81 13.58 11.30 8.02
C VAL B 81 13.53 12.47 7.03
N LYS B 82 13.43 13.69 7.55
CA LYS B 82 13.30 14.90 6.72
C LYS B 82 14.58 15.25 5.98
N GLY B 83 14.44 15.70 4.75
CA GLY B 83 15.55 16.35 4.06
C GLY B 83 16.53 15.45 3.35
N VAL B 84 16.17 14.17 3.18
CA VAL B 84 16.96 13.22 2.40
C VAL B 84 16.00 12.38 1.55
N THR B 85 16.53 11.70 0.53
CA THR B 85 15.70 10.87 -0.33
C THR B 85 15.98 9.38 -0.06
N GLY B 86 15.14 8.48 -0.54
CA GLY B 86 15.36 7.04 -0.36
C GLY B 86 16.61 6.54 -1.08
N HIS B 87 16.93 7.15 -2.23
CA HIS B 87 18.16 6.82 -2.93
C HIS B 87 19.41 7.15 -2.10
N GLU B 88 19.38 8.29 -1.42
CA GLU B 88 20.46 8.69 -0.55
C GLU B 88 20.65 7.77 0.66
N VAL B 89 19.56 7.42 1.32
CA VAL B 89 19.59 6.53 2.46
C VAL B 89 20.03 5.09 2.09
N CYS B 90 19.53 4.55 0.99
CA CYS B 90 20.03 3.26 0.55
C CYS B 90 21.48 3.32 0.13
N ASN B 91 21.89 4.41 -0.53
CA ASN B 91 23.30 4.56 -0.89
C ASN B 91 24.21 4.41 0.31
N TYR B 92 23.96 5.23 1.32
CA TYR B 92 24.77 5.26 2.51
C TYR B 92 24.74 3.94 3.30
N PHE B 93 23.59 3.28 3.35
CA PHE B 93 23.44 1.99 4.03
C PHE B 93 24.24 0.91 3.32
N TRP B 94 24.19 0.94 1.99
CA TRP B 94 24.84 -0.07 1.17
C TRP B 94 26.31 0.21 0.91
N ASN B 95 26.71 1.46 0.94
CA ASN B 95 28.06 1.83 0.52
C ASN B 95 29.12 1.42 1.57
N VAL B 96 30.00 0.49 1.21
CA VAL B 96 30.96 0.01 2.21
C VAL B 96 31.98 1.05 2.71
N ASP B 97 32.23 2.09 1.90
CA ASP B 97 33.27 3.10 2.20
C ASP B 97 32.87 4.02 3.32
N VAL B 98 31.63 3.92 3.78
CA VAL B 98 31.23 4.83 4.84
C VAL B 98 30.71 4.05 6.04
N ARG B 99 30.78 2.74 5.92
CA ARG B 99 30.25 1.85 6.95
C ARG B 99 30.77 2.21 8.35
N ASN B 100 32.07 2.48 8.47
CA ASN B 100 32.66 2.73 9.78
C ASN B 100 32.28 4.06 10.38
N ASP B 101 31.90 5.00 9.52
CA ASP B 101 31.38 6.24 10.02
C ASP B 101 30.16 6.01 10.90
N TRP B 102 29.29 5.08 10.53
CA TRP B 102 28.06 4.93 11.32
C TRP B 102 27.91 3.66 12.14
N GLU B 103 28.51 2.57 11.69
CA GLU B 103 28.35 1.28 12.36
C GLU B 103 29.16 1.27 13.67
N THR B 104 28.49 0.98 14.78
CA THR B 104 29.20 0.84 16.04
C THR B 104 29.51 -0.60 16.46
N THR B 105 28.77 -1.58 15.95
CA THR B 105 28.89 -2.97 16.39
C THR B 105 29.89 -3.83 15.62
N ILE B 106 30.61 -3.23 14.67
CA ILE B 106 31.48 -3.97 13.78
C ILE B 106 32.92 -4.02 14.29
N GLU B 107 33.47 -5.21 14.49
CA GLU B 107 34.88 -5.28 14.86
C GLU B 107 35.72 -5.21 13.59
N ASN B 108 35.37 -5.99 12.58
CA ASN B 108 35.95 -5.73 11.28
C ASN B 108 35.16 -6.39 10.20
N PHE B 109 35.43 -5.99 8.96
CA PHE B 109 34.64 -6.47 7.86
C PHE B 109 35.45 -6.28 6.60
N HIS B 110 35.13 -7.05 5.56
CA HIS B 110 35.71 -6.87 4.24
C HIS B 110 34.79 -7.38 3.14
N VAL B 111 35.01 -6.90 1.93
CA VAL B 111 34.21 -7.36 0.81
C VAL B 111 34.84 -8.66 0.31
N VAL B 112 34.07 -9.77 0.32
CA VAL B 112 34.54 -11.05 -0.18
C VAL B 112 34.55 -11.11 -1.71
N GLU B 113 33.52 -10.55 -2.35
CA GLU B 113 33.40 -10.67 -3.77
C GLU B 113 32.48 -9.60 -4.30
N THR B 114 32.79 -9.12 -5.48
CA THR B 114 31.91 -8.18 -6.15
C THR B 114 31.19 -8.94 -7.21
N LEU B 115 29.86 -8.91 -7.13
CA LEU B 115 28.99 -9.65 -8.03
C LEU B 115 28.51 -8.78 -9.15
N ALA B 116 28.47 -7.48 -8.89
CA ALA B 116 27.91 -6.52 -9.84
C ALA B 116 28.11 -5.13 -9.29
N ASP B 117 27.81 -4.11 -10.09
CA ASP B 117 27.88 -2.72 -9.66
C ASP B 117 26.95 -2.44 -8.46
N ASN B 118 25.99 -3.31 -8.20
CA ASN B 118 25.03 -3.09 -7.11
C ASN B 118 24.94 -4.25 -6.09
N ALA B 119 25.85 -5.20 -6.14
CA ALA B 119 25.69 -6.43 -5.35
C ALA B 119 27.03 -6.95 -4.92
N ILE B 120 27.29 -7.02 -3.63
CA ILE B 120 28.54 -7.60 -3.15
C ILE B 120 28.26 -8.60 -2.08
N ILE B 121 29.28 -9.38 -1.69
CA ILE B 121 29.17 -10.32 -0.60
C ILE B 121 30.13 -9.85 0.49
N ILE B 122 29.61 -9.61 1.68
CA ILE B 122 30.44 -9.08 2.76
C ILE B 122 30.71 -10.13 3.83
N TYR B 123 31.90 -10.08 4.41
CA TYR B 123 32.14 -10.84 5.62
C TYR B 123 32.44 -9.87 6.75
N GLN B 124 31.80 -10.05 7.90
CA GLN B 124 32.15 -9.21 9.03
C GLN B 124 32.09 -9.94 10.35
N THR B 125 32.84 -9.41 11.31
CA THR B 125 32.75 -9.85 12.68
C THR B 125 32.23 -8.72 13.55
N HIS B 126 31.40 -9.09 14.51
CA HIS B 126 30.80 -8.15 15.42
C HIS B 126 31.47 -8.12 16.76
N LYS B 127 31.45 -6.95 17.37
CA LYS B 127 31.79 -6.83 18.76
C LYS B 127 30.85 -7.71 19.53
N ARG B 128 31.29 -8.13 20.71
CA ARG B 128 30.40 -8.81 21.63
C ARG B 128 29.43 -7.78 22.12
N VAL B 129 28.14 -8.02 21.91
CA VAL B 129 27.09 -7.11 22.37
C VAL B 129 26.28 -7.74 23.49
N TRP B 130 26.60 -8.98 23.79
CA TRP B 130 26.33 -9.59 25.09
C TRP B 130 27.52 -10.51 25.45
N PRO B 131 27.65 -10.90 26.73
CA PRO B 131 28.86 -11.64 27.11
C PRO B 131 28.83 -13.08 26.60
N ALA B 132 29.49 -13.30 25.47
CA ALA B 132 29.53 -14.60 24.82
C ALA B 132 30.49 -14.49 23.66
N SER B 133 30.64 -15.59 22.93
CA SER B 133 31.46 -15.56 21.74
C SER B 133 30.90 -14.56 20.72
N GLN B 134 31.78 -14.03 19.89
CA GLN B 134 31.37 -13.07 18.89
C GLN B 134 30.60 -13.75 17.81
N ARG B 135 29.75 -12.99 17.12
CA ARG B 135 29.02 -13.50 15.96
C ARG B 135 29.73 -12.97 14.71
N ASP B 136 29.97 -13.84 13.73
CA ASP B 136 30.29 -13.32 12.42
C ASP B 136 29.10 -13.51 11.48
N VAL B 137 29.20 -12.90 10.32
CA VAL B 137 28.12 -12.91 9.38
C VAL B 137 28.70 -12.86 8.01
N LEU B 138 28.05 -13.56 7.09
CA LEU B 138 28.47 -13.60 5.72
C LEU B 138 27.23 -13.42 4.84
N TYR B 139 27.18 -12.27 4.17
CA TYR B 139 25.92 -11.90 3.51
C TYR B 139 26.06 -11.20 2.15
N LEU B 140 25.11 -11.47 1.27
CA LEU B 140 24.98 -10.73 0.01
C LEU B 140 24.25 -9.42 0.30
N SER B 141 24.85 -8.30 -0.11
CA SER B 141 24.22 -7.01 0.06
C SER B 141 23.93 -6.41 -1.32
N VAL B 142 22.67 -6.09 -1.59
CA VAL B 142 22.29 -5.68 -2.92
C VAL B 142 21.41 -4.43 -2.89
N ILE B 143 21.70 -3.48 -3.78
CA ILE B 143 20.89 -2.25 -3.86
C ILE B 143 20.03 -2.21 -5.14
N ARG B 144 18.72 -2.07 -4.98
CA ARG B 144 17.85 -2.03 -6.15
C ARG B 144 16.84 -0.91 -6.09
N LYS B 145 16.36 -0.51 -7.27
CA LYS B 145 15.28 0.44 -7.37
C LYS B 145 14.05 -0.24 -7.93
N ILE B 146 12.93 -0.12 -7.23
CA ILE B 146 11.65 -0.63 -7.73
C ILE B 146 10.93 0.51 -8.41
N PRO B 147 10.80 0.46 -9.75
CA PRO B 147 10.10 1.54 -10.45
C PRO B 147 8.69 1.75 -9.90
N ALA B 148 8.30 3.00 -9.66
CA ALA B 148 6.88 3.34 -9.45
C ALA B 148 6.13 3.06 -10.75
N LEU B 149 4.91 2.56 -10.67
CA LEU B 149 4.13 2.29 -11.88
C LEU B 149 2.90 3.17 -11.97
N THR B 150 2.67 3.99 -10.94
CA THR B 150 1.69 5.05 -11.08
C THR B 150 2.41 6.39 -11.08
N GLU B 151 1.73 7.42 -11.56
CA GLU B 151 2.38 8.68 -11.92
C GLU B 151 2.85 9.48 -10.71
N ASN B 152 2.07 9.51 -9.63
CA ASN B 152 2.46 10.28 -8.44
C ASN B 152 3.00 9.49 -7.25
N ASP B 153 2.74 8.19 -7.23
CA ASP B 153 3.18 7.34 -6.12
C ASP B 153 4.70 7.14 -6.13
N PRO B 154 5.33 7.27 -4.95
CA PRO B 154 6.80 7.26 -4.71
C PRO B 154 7.53 6.05 -5.31
N GLU B 155 8.71 6.29 -5.87
CA GLU B 155 9.62 5.21 -6.24
C GLU B 155 10.20 4.57 -4.98
N THR B 156 10.55 3.30 -5.07
CA THR B 156 11.11 2.61 -3.92
C THR B 156 12.58 2.14 -4.11
N TRP B 157 13.42 2.49 -3.16
CA TRP B 157 14.77 1.95 -3.06
C TRP B 157 14.87 0.94 -1.90
N ILE B 158 15.61 -0.13 -2.15
CA ILE B 158 15.70 -1.19 -1.16
C ILE B 158 17.11 -1.73 -1.16
N VAL B 159 17.67 -1.93 0.02
CA VAL B 159 18.90 -2.72 0.21
C VAL B 159 18.52 -4.03 0.95
N CYS B 160 18.86 -5.18 0.35
CA CYS B 160 18.68 -6.48 0.99
C CYS B 160 20.01 -7.06 1.35
N ASN B 161 20.10 -7.46 2.63
CA ASN B 161 21.25 -8.15 3.21
C ASN B 161 20.77 -9.53 3.64
N PHE B 162 21.33 -10.57 3.05
CA PHE B 162 20.88 -11.93 3.41
C PHE B 162 22.05 -12.89 3.33
N SER B 163 22.08 -13.84 4.27
CA SER B 163 23.24 -14.70 4.42
C SER B 163 23.40 -15.59 3.20
N VAL B 164 24.65 -15.83 2.79
CA VAL B 164 24.97 -16.77 1.75
C VAL B 164 26.19 -17.57 2.19
N ASP B 165 26.55 -18.61 1.42
CA ASP B 165 27.78 -19.36 1.66
C ASP B 165 28.83 -18.85 0.71
N HIS B 166 30.09 -19.19 0.96
CA HIS B 166 31.18 -18.83 0.08
C HIS B 166 32.41 -19.56 0.61
N ASP B 167 33.14 -20.22 -0.30
CA ASP B 167 34.33 -21.02 0.04
C ASP B 167 35.41 -20.24 0.76
N SER B 168 35.47 -18.91 0.52
CA SER B 168 36.50 -18.09 1.12
C SER B 168 36.18 -17.75 2.55
N ALA B 169 34.95 -18.00 2.96
CA ALA B 169 34.57 -17.66 4.33
C ALA B 169 33.80 -18.80 4.97
N PRO B 170 34.49 -19.93 5.19
CA PRO B 170 33.86 -21.14 5.77
C PRO B 170 33.68 -20.90 7.25
N LEU B 171 32.78 -21.65 7.89
CA LEU B 171 32.67 -21.56 9.34
C LEU B 171 34.05 -21.62 10.01
N ASN B 172 34.15 -21.10 11.22
CA ASN B 172 35.41 -21.10 11.90
C ASN B 172 35.15 -21.24 13.40
N ASN B 173 36.22 -21.46 14.18
CA ASN B 173 36.06 -21.84 15.58
C ASN B 173 36.07 -20.65 16.56
N ARG B 174 36.15 -19.45 16.01
CA ARG B 174 36.26 -18.25 16.83
C ARG B 174 34.91 -17.56 17.00
N CYS B 175 34.12 -17.58 15.94
CA CYS B 175 32.85 -16.85 15.89
C CYS B 175 31.69 -17.80 15.73
N VAL B 176 30.58 -17.49 16.38
CA VAL B 176 29.34 -18.12 15.99
C VAL B 176 28.80 -17.40 14.72
N ARG B 177 28.42 -18.20 13.74
CA ARG B 177 27.92 -17.68 12.48
C ARG B 177 26.41 -17.39 12.60
N ALA B 178 26.03 -16.12 12.56
CA ALA B 178 24.62 -15.77 12.56
C ALA B 178 24.10 -15.82 11.12
N LYS B 179 22.78 -15.90 10.98
CA LYS B 179 22.17 -15.92 9.69
C LYS B 179 21.20 -14.75 9.72
N ILE B 180 21.18 -13.96 8.66
CA ILE B 180 20.36 -12.77 8.62
C ILE B 180 19.48 -12.72 7.35
N ASN B 181 18.40 -11.98 7.43
CA ASN B 181 17.64 -11.66 6.25
C ASN B 181 17.09 -10.28 6.55
N VAL B 182 17.73 -9.26 6.00
CA VAL B 182 17.45 -7.87 6.40
C VAL B 182 17.17 -7.10 5.16
N ALA B 183 16.32 -6.10 5.29
CA ALA B 183 16.12 -5.17 4.20
C ALA B 183 15.92 -3.81 4.79
N MET B 184 16.44 -2.80 4.12
CA MET B 184 16.01 -1.46 4.42
C MET B 184 15.31 -0.90 3.21
N ILE B 185 14.06 -0.47 3.37
CA ILE B 185 13.24 -0.02 2.24
C ILE B 185 12.83 1.45 2.39
N CYS B 186 13.16 2.25 1.38
CA CYS B 186 12.95 3.69 1.50
C CYS B 186 12.12 4.26 0.36
N GLN B 187 11.24 5.19 0.71
CA GLN B 187 10.46 5.90 -0.30
C GLN B 187 10.58 7.39 -0.02
N THR B 188 10.68 8.17 -1.09
CA THR B 188 10.72 9.61 -0.98
C THR B 188 9.35 10.24 -1.26
N LEU B 189 8.84 11.00 -0.29
CA LEU B 189 7.64 11.81 -0.50
C LEU B 189 8.09 13.24 -0.87
N VAL B 190 7.66 13.73 -2.03
CA VAL B 190 8.08 15.06 -2.48
C VAL B 190 6.90 16.01 -2.49
N SER B 191 7.06 17.19 -1.89
CA SER B 191 6.07 18.25 -2.04
C SER B 191 6.73 19.58 -2.46
N PRO B 192 6.58 19.95 -3.75
CA PRO B 192 6.95 21.25 -4.34
C PRO B 192 6.89 22.43 -3.34
N PRO B 193 7.72 23.46 -3.57
CA PRO B 193 8.05 24.49 -2.57
C PRO B 193 7.15 25.74 -2.58
N GLU B 194 7.66 26.81 -1.96
CA GLU B 194 7.05 28.13 -2.08
C GLU B 194 7.46 28.79 -3.42
N GLY B 195 6.53 28.82 -4.38
CA GLY B 195 6.74 29.56 -5.64
C GLY B 195 7.25 28.81 -6.86
N ASN B 196 8.10 29.50 -7.64
CA ASN B 196 8.78 28.97 -8.82
C ASN B 196 10.25 28.61 -8.54
N GLN B 197 10.54 28.37 -7.27
CA GLN B 197 11.88 28.00 -6.85
C GLN B 197 12.09 26.50 -7.04
N GLU B 198 13.35 26.08 -7.01
CA GLU B 198 13.67 24.66 -7.09
C GLU B 198 13.31 23.94 -5.79
N ILE B 199 13.12 22.62 -5.91
CA ILE B 199 12.91 21.76 -4.78
C ILE B 199 14.09 21.88 -3.82
N SER B 200 13.82 22.14 -2.57
CA SER B 200 14.89 22.14 -1.60
C SER B 200 14.79 20.84 -0.79
N ARG B 201 15.75 20.63 0.10
CA ARG B 201 15.70 19.47 0.94
C ARG B 201 14.53 19.62 1.93
N ASP B 202 13.71 20.64 1.76
CA ASP B 202 12.67 20.92 2.74
C ASP B 202 11.32 20.47 2.24
N ASN B 203 11.34 19.95 1.02
CA ASN B 203 10.17 19.54 0.33
C ASN B 203 10.22 18.02 0.27
N ILE B 204 11.24 17.46 0.89
CA ILE B 204 11.45 16.02 0.81
C ILE B 204 11.45 15.30 2.15
N LEU B 205 10.92 14.11 2.12
CA LEU B 205 10.81 13.32 3.33
C LEU B 205 11.02 11.85 2.94
N CYS B 206 11.90 11.18 3.67
CA CYS B 206 12.12 9.76 3.43
C CYS B 206 11.39 8.86 4.48
N LYS B 207 10.51 8.01 3.97
CA LYS B 207 9.82 7.04 4.80
C LYS B 207 10.62 5.75 4.80
N ILE B 208 11.02 5.27 5.97
CA ILE B 208 11.85 4.08 6.03
C ILE B 208 11.16 2.95 6.73
N THR B 209 11.34 1.76 6.17
CA THR B 209 10.93 0.53 6.77
C THR B 209 12.18 -0.35 6.80
N TYR B 210 12.55 -0.81 7.99
CA TYR B 210 13.75 -1.62 8.16
C TYR B 210 13.30 -2.91 8.80
N VAL B 211 13.56 -4.03 8.14
CA VAL B 211 13.14 -5.29 8.71
C VAL B 211 14.36 -6.17 8.93
N ALA B 212 14.37 -6.88 10.04
CA ALA B 212 15.46 -7.79 10.33
C ALA B 212 14.90 -9.08 10.87
N ASN B 213 15.28 -10.18 10.25
CA ASN B 213 15.03 -11.54 10.75
C ASN B 213 16.41 -12.20 10.93
N VAL B 214 16.84 -12.35 12.18
CA VAL B 214 18.20 -12.88 12.46
C VAL B 214 18.18 -14.15 13.32
N ASN B 215 18.96 -15.15 12.91
CA ASN B 215 19.28 -16.26 13.79
C ASN B 215 20.67 -16.03 14.38
N PRO B 216 20.73 -15.65 15.66
CA PRO B 216 22.01 -15.30 16.30
C PRO B 216 22.99 -16.47 16.34
N GLY B 217 22.51 -17.69 16.12
CA GLY B 217 23.40 -18.85 16.09
C GLY B 217 23.74 -19.29 17.52
N GLY B 218 24.27 -20.50 17.65
CA GLY B 218 24.70 -20.98 18.96
C GLY B 218 23.54 -21.05 19.92
N TRP B 219 23.73 -20.58 21.15
CA TRP B 219 22.69 -20.58 22.17
C TRP B 219 22.96 -19.37 23.03
N ALA B 220 21.92 -18.68 23.46
CA ALA B 220 22.07 -17.61 24.42
C ALA B 220 20.75 -17.45 25.13
N PRO B 221 20.76 -16.94 26.36
CA PRO B 221 19.46 -16.75 27.00
C PRO B 221 18.50 -15.83 26.21
N ALA B 222 17.25 -16.26 26.08
CA ALA B 222 16.25 -15.52 25.36
C ALA B 222 16.14 -14.09 25.82
N SER B 223 15.99 -13.88 27.13
CA SER B 223 15.84 -12.53 27.67
C SER B 223 17.04 -11.62 27.34
N VAL B 224 18.23 -12.21 27.33
CA VAL B 224 19.44 -11.48 27.00
C VAL B 224 19.41 -11.06 25.51
N LEU B 225 19.08 -11.99 24.62
CA LEU B 225 19.03 -11.65 23.19
C LEU B 225 17.98 -10.57 22.92
N ARG B 226 16.92 -10.57 23.69
CA ARG B 226 15.83 -9.70 23.43
C ARG B 226 16.16 -8.31 23.91
N ALA B 227 17.00 -8.22 24.92
CA ALA B 227 17.35 -6.93 25.48
C ALA B 227 18.35 -6.26 24.58
N VAL B 228 19.20 -7.03 23.91
CA VAL B 228 20.19 -6.45 23.01
C VAL B 228 19.54 -6.00 21.69
N ALA B 229 18.55 -6.77 21.23
CA ALA B 229 17.75 -6.31 20.12
C ALA B 229 17.20 -4.95 20.45
N LYS B 230 16.52 -4.81 21.59
CA LYS B 230 15.89 -3.53 21.98
C LYS B 230 16.89 -2.39 22.14
N ARG B 231 18.12 -2.73 22.52
CA ARG B 231 19.12 -1.70 22.70
C ARG B 231 19.74 -1.32 21.35
N GLU B 232 20.16 -2.31 20.59
CA GLU B 232 20.98 -2.08 19.40
C GLU B 232 20.28 -1.66 18.09
N TYR B 233 19.07 -2.11 17.83
CA TYR B 233 18.44 -1.69 16.57
C TYR B 233 18.06 -0.21 16.59
N PRO B 234 17.42 0.24 17.68
CA PRO B 234 17.09 1.67 17.75
C PRO B 234 18.35 2.51 17.70
N LYS B 235 19.35 2.16 18.51
CA LYS B 235 20.61 2.91 18.55
C LYS B 235 21.23 3.08 17.15
N PHE B 236 21.28 1.99 16.39
CA PHE B 236 21.75 2.01 15.00
C PHE B 236 20.93 2.91 14.09
N LEU B 237 19.60 2.88 14.20
CA LEU B 237 18.75 3.63 13.28
C LEU B 237 18.84 5.11 13.50
N LYS B 238 18.94 5.50 14.77
CA LYS B 238 19.02 6.89 15.17
C LYS B 238 20.30 7.53 14.65
N ARG B 239 21.40 6.85 14.89
CA ARG B 239 22.72 7.23 14.44
C ARG B 239 22.89 7.14 12.92
N PHE B 240 22.39 6.07 12.33
CA PHE B 240 22.62 5.93 10.91
C PHE B 240 21.82 6.95 10.11
N THR B 241 20.59 7.18 10.53
CA THR B 241 19.78 8.19 9.88
C THR B 241 20.29 9.60 10.15
N SER B 242 20.91 9.84 11.30
CA SER B 242 21.32 11.20 11.63
C SER B 242 22.49 11.47 10.75
N TYR B 243 23.34 10.46 10.67
CA TYR B 243 24.50 10.48 9.83
C TYR B 243 24.18 10.88 8.39
N VAL B 244 23.13 10.27 7.85
CA VAL B 244 22.76 10.56 6.47
C VAL B 244 22.28 12.00 6.34
N GLN B 245 21.51 12.47 7.32
CA GLN B 245 21.15 13.87 7.31
C GLN B 245 22.42 14.75 7.34
N GLU B 246 23.46 14.34 8.08
CA GLU B 246 24.67 15.15 8.21
C GLU B 246 25.52 15.26 6.93
N LYS B 247 25.60 14.16 6.17
CA LYS B 247 26.46 14.07 5.00
C LYS B 247 25.84 14.69 3.76
N THR B 248 24.52 14.86 3.79
CA THR B 248 23.78 15.33 2.64
C THR B 248 23.31 16.78 2.75
N ALA B 249 23.27 17.33 3.97
CA ALA B 249 22.84 18.69 4.24
C ALA B 249 23.42 19.75 3.28
N GLY B 250 22.54 20.53 2.65
CA GLY B 250 22.94 21.57 1.72
C GLY B 250 23.76 21.09 0.55
N LYS B 251 23.69 19.80 0.22
CA LYS B 251 24.28 19.29 -1.03
C LYS B 251 23.15 19.06 -2.03
N PRO B 252 23.48 19.02 -3.34
CA PRO B 252 22.48 18.72 -4.36
C PRO B 252 21.80 17.40 -4.08
N ILE B 253 20.55 17.25 -4.51
CA ILE B 253 19.71 16.11 -4.15
C ILE B 253 19.82 14.98 -5.15
N LEU B 254 20.16 13.78 -4.67
CA LEU B 254 20.11 12.56 -5.48
C LEU B 254 18.81 11.81 -5.27
N PHE B 255 17.87 11.99 -6.20
CA PHE B 255 16.61 11.28 -6.22
C PHE B 255 16.81 9.88 -6.72
#